data_4TOS
#
_entry.id   4TOS
#
_cell.length_a   48.195
_cell.length_b   81.168
_cell.length_c   114.155
_cell.angle_alpha   90.00
_cell.angle_beta   90.00
_cell.angle_gamma   90.00
#
_symmetry.space_group_name_H-M   'P 21 21 21'
#
loop_
_entity.id
_entity.type
_entity.pdbx_description
1 polymer Tankyrase-1
2 non-polymer 'ZINC ION'
3 non-polymer trans-N-benzyl-4-({1-[(6-methyl-4-oxo-4H-pyrido[1,2-a]pyrimidin-2-yl)methyl]-2,4-dioxo-1,4-dihydroquinazolin-3(2H)-yl}methyl)cyclohexanecarboxamide
4 water water
#
_entity_poly.entity_id   1
_entity_poly.type   'polypeptide(L)'
_entity_poly.pdbx_seq_one_letter_code
;MGSSHHHHHHSSGLEVLFQGPHMASGTILLDLAPEDKEYQSVEEEMQSTIREHRDGGNAGGIFNRYNVIRIQKVVNKKLR
ERFCHRQKEVSEENHNHHNERMLFHGSPFINAIIHKGFDERHAYIGGMFGAGIYFAENSSKSNQYVYGIGGGTGCPTHKD
RSCYICHRQMLFCRVTLGKSFLQFSTIKMAHAPPGHHSVIGRPSVNGLAYAEYVIYRGEQAYPEYLITYQIMKPEA
;
_entity_poly.pdbx_strand_id   A,B
#
loop_
_chem_comp.id
_chem_comp.type
_chem_comp.name
_chem_comp.formula
355 non-polymer trans-N-benzyl-4-({1-[(6-methyl-4-oxo-4H-pyrido[1,2-a]pyrimidin-2-yl)methyl]-2,4-dioxo-1,4-dihydroquinazolin-3(2H)-yl}methyl)cyclohexanecarboxamide 'C33 H33 N5 O4'
ZN non-polymer 'ZINC ION' 'Zn 2'
#
# COMPACT_ATOMS: atom_id res chain seq x y z
N SER A 25 -6.51 -20.18 13.84
CA SER A 25 -7.01 -19.17 12.91
C SER A 25 -7.78 -18.09 13.64
N GLY A 26 -8.71 -18.51 14.49
CA GLY A 26 -9.65 -17.59 15.10
C GLY A 26 -10.88 -17.42 14.24
N THR A 27 -10.88 -18.00 13.05
CA THR A 27 -12.04 -17.88 12.16
C THR A 27 -13.14 -18.88 12.54
N ILE A 28 -14.37 -18.39 12.67
CA ILE A 28 -15.55 -19.26 12.75
C ILE A 28 -16.32 -19.14 11.44
N LEU A 29 -16.84 -20.26 10.93
CA LEU A 29 -17.70 -20.21 9.75
C LEU A 29 -19.13 -20.50 10.14
N LEU A 30 -20.03 -19.57 9.85
CA LEU A 30 -21.43 -19.77 10.22
C LEU A 30 -22.23 -20.14 8.97
N ASP A 31 -22.91 -21.28 9.00
CA ASP A 31 -23.70 -21.65 7.82
C ASP A 31 -25.02 -20.89 7.74
N LEU A 32 -25.30 -20.31 6.58
CA LEU A 32 -26.59 -19.68 6.36
C LEU A 32 -27.58 -20.70 5.81
N ALA A 33 -28.81 -20.65 6.30
CA ALA A 33 -29.83 -21.55 5.79
C ALA A 33 -30.42 -20.95 4.52
N PRO A 34 -30.74 -21.80 3.53
CA PRO A 34 -31.34 -21.38 2.26
C PRO A 34 -32.61 -20.56 2.45
N GLU A 35 -33.29 -20.75 3.57
CA GLU A 35 -34.55 -20.05 3.80
C GLU A 35 -34.37 -18.69 4.47
N ASP A 36 -33.11 -18.35 4.74
CA ASP A 36 -32.78 -17.05 5.34
C ASP A 36 -32.67 -15.98 4.25
N LYS A 37 -33.21 -14.78 4.53
CA LYS A 37 -33.12 -13.66 3.61
C LYS A 37 -31.66 -13.31 3.26
N GLU A 38 -30.76 -13.57 4.18
CA GLU A 38 -29.36 -13.20 3.97
C GLU A 38 -28.69 -14.11 2.94
N TYR A 39 -28.97 -15.40 3.04
CA TYR A 39 -28.55 -16.38 2.04
C TYR A 39 -29.15 -15.97 0.69
N GLN A 40 -30.44 -15.71 0.69
CA GLN A 40 -31.16 -15.45 -0.54
C GLN A 40 -30.64 -14.19 -1.22
N SER A 41 -30.28 -13.20 -0.41
CA SER A 41 -29.70 -11.97 -0.90
C SER A 41 -28.35 -12.20 -1.58
N VAL A 42 -27.48 -12.94 -0.90
CA VAL A 42 -26.17 -13.27 -1.48
C VAL A 42 -26.30 -14.10 -2.77
N GLU A 43 -27.17 -15.10 -2.77
CA GLU A 43 -27.35 -15.90 -3.97
C GLU A 43 -27.88 -15.06 -5.13
N GLU A 44 -28.84 -14.20 -4.84
CA GLU A 44 -29.42 -13.33 -5.87
C GLU A 44 -28.38 -12.41 -6.49
N GLU A 45 -27.47 -11.89 -5.66
CA GLU A 45 -26.38 -11.05 -6.15
C GLU A 45 -25.44 -11.83 -7.05
N MET A 46 -25.12 -13.05 -6.61
CA MET A 46 -24.30 -13.93 -7.40
C MET A 46 -24.96 -14.28 -8.75
N GLN A 47 -26.21 -14.72 -8.70
CA GLN A 47 -26.89 -15.17 -9.92
C GLN A 47 -27.20 -14.04 -10.90
N SER A 48 -27.58 -12.88 -10.38
CA SER A 48 -28.02 -11.79 -11.24
C SER A 48 -26.86 -11.00 -11.88
N THR A 49 -25.64 -11.25 -11.43
CA THR A 49 -24.49 -10.52 -11.99
C THR A 49 -23.66 -11.36 -12.97
N ILE A 50 -24.17 -12.52 -13.34
CA ILE A 50 -23.55 -13.31 -14.40
C ILE A 50 -23.67 -12.57 -15.72
N ARG A 51 -22.56 -12.46 -16.45
CA ARG A 51 -22.55 -11.81 -17.75
C ARG A 51 -21.77 -12.64 -18.76
N GLU A 52 -21.91 -12.32 -20.04
CA GLU A 52 -21.15 -13.03 -21.06
C GLU A 52 -19.76 -12.41 -21.20
N HIS A 53 -18.73 -13.25 -21.17
CA HIS A 53 -17.35 -12.75 -21.25
C HIS A 53 -16.69 -12.88 -22.62
N ARG A 54 -15.77 -11.95 -22.90
CA ARG A 54 -15.16 -11.83 -24.21
C ARG A 54 -14.23 -12.98 -24.57
N ASP A 55 -14.02 -13.91 -23.64
CA ASP A 55 -13.21 -15.08 -23.97
C ASP A 55 -14.03 -16.30 -24.42
N GLY A 56 -15.34 -16.13 -24.54
CA GLY A 56 -16.19 -17.23 -25.03
C GLY A 56 -16.38 -18.29 -23.97
N GLY A 57 -16.06 -17.92 -22.74
CA GLY A 57 -16.21 -18.76 -21.56
C GLY A 57 -14.99 -19.63 -21.25
N ASN A 58 -13.88 -19.37 -21.94
CA ASN A 58 -12.67 -20.16 -21.80
C ASN A 58 -12.13 -20.21 -20.37
N ALA A 59 -12.07 -19.04 -19.72
CA ALA A 59 -11.44 -18.98 -18.39
C ALA A 59 -12.30 -19.59 -17.30
N GLY A 60 -13.60 -19.26 -17.31
CA GLY A 60 -14.48 -19.58 -16.21
C GLY A 60 -15.49 -20.70 -16.49
N GLY A 61 -15.63 -21.03 -17.76
CA GLY A 61 -16.54 -22.10 -18.17
C GLY A 61 -17.79 -21.55 -18.81
N ILE A 62 -18.61 -22.45 -19.34
CA ILE A 62 -19.82 -22.08 -20.04
C ILE A 62 -21.03 -22.41 -19.18
N PHE A 63 -21.77 -21.37 -18.81
CA PHE A 63 -22.90 -21.51 -17.90
C PHE A 63 -23.83 -20.29 -17.93
N ASN A 64 -25.07 -20.51 -17.51
CA ASN A 64 -26.07 -19.45 -17.40
C ASN A 64 -26.45 -19.18 -15.94
N ARG A 65 -26.11 -20.10 -15.06
CA ARG A 65 -26.42 -19.95 -13.63
C ARG A 65 -25.52 -20.85 -12.81
N TYR A 66 -25.43 -20.58 -11.51
CA TYR A 66 -24.70 -21.45 -10.59
C TYR A 66 -25.64 -22.39 -9.82
N ASN A 67 -25.08 -23.50 -9.36
CA ASN A 67 -25.72 -24.28 -8.31
C ASN A 67 -25.01 -23.93 -6.99
N VAL A 68 -25.66 -23.17 -6.13
CA VAL A 68 -25.03 -22.80 -4.86
C VAL A 68 -25.13 -23.96 -3.85
N ILE A 69 -23.98 -24.44 -3.39
CA ILE A 69 -23.94 -25.58 -2.47
C ILE A 69 -24.15 -25.10 -1.02
N ARG A 70 -23.48 -24.01 -0.67
CA ARG A 70 -23.38 -23.58 0.70
C ARG A 70 -22.98 -22.10 0.74
N ILE A 71 -23.50 -21.36 1.70
CA ILE A 71 -23.01 -20.00 1.92
C ILE A 71 -22.69 -19.86 3.39
N GLN A 72 -21.48 -19.41 3.68
CA GLN A 72 -21.01 -19.34 5.05
C GLN A 72 -20.52 -17.94 5.36
N LYS A 73 -20.91 -17.46 6.53
CA LYS A 73 -20.44 -16.16 7.01
C LYS A 73 -19.13 -16.33 7.78
N VAL A 74 -18.14 -15.52 7.42
CA VAL A 74 -16.80 -15.64 7.99
C VAL A 74 -16.65 -14.68 9.17
N VAL A 75 -16.35 -15.23 10.34
CA VAL A 75 -16.18 -14.40 11.54
C VAL A 75 -14.80 -14.59 12.12
N ASN A 76 -14.06 -13.49 12.27
CA ASN A 76 -12.76 -13.56 12.89
C ASN A 76 -12.52 -12.22 13.59
N LYS A 77 -12.26 -12.27 14.91
CA LYS A 77 -12.20 -11.08 15.72
C LYS A 77 -11.07 -10.15 15.27
N LYS A 78 -9.90 -10.73 15.04
CA LYS A 78 -8.72 -9.92 14.71
C LYS A 78 -8.85 -9.30 13.33
N LEU A 79 -9.36 -10.09 12.37
CA LEU A 79 -9.53 -9.59 11.01
C LEU A 79 -10.52 -8.45 10.97
N ARG A 80 -11.59 -8.59 11.76
CA ARG A 80 -12.59 -7.54 11.86
C ARG A 80 -11.99 -6.26 12.50
N GLU A 81 -11.18 -6.42 13.54
CA GLU A 81 -10.55 -5.29 14.21
C GLU A 81 -9.72 -4.49 13.21
N ARG A 82 -8.95 -5.22 12.40
CA ARG A 82 -8.11 -4.57 11.40
C ARG A 82 -8.91 -3.87 10.33
N PHE A 83 -9.96 -4.53 9.85
CA PHE A 83 -10.82 -3.95 8.82
C PHE A 83 -11.53 -2.69 9.33
N CYS A 84 -12.12 -2.76 10.53
CA CYS A 84 -12.82 -1.61 11.08
C CYS A 84 -11.87 -0.44 11.40
N HIS A 85 -10.65 -0.74 11.82
CA HIS A 85 -9.69 0.32 12.12
C HIS A 85 -9.37 1.12 10.86
N ARG A 86 -9.03 0.40 9.80
CA ARG A 86 -8.71 1.01 8.50
C ARG A 86 -9.93 1.75 7.94
N GLN A 87 -11.10 1.18 8.14
CA GLN A 87 -12.30 1.79 7.60
C GLN A 87 -12.52 3.16 8.20
N LYS A 88 -12.23 3.28 9.49
CA LYS A 88 -12.37 4.56 10.15
C LYS A 88 -11.37 5.57 9.60
N GLU A 89 -10.13 5.14 9.36
CA GLU A 89 -9.12 6.04 8.82
C GLU A 89 -9.50 6.50 7.42
N VAL A 90 -10.04 5.59 6.62
CA VAL A 90 -10.42 5.96 5.26
C VAL A 90 -11.57 6.96 5.28
N SER A 91 -12.54 6.71 6.17
CA SER A 91 -13.66 7.62 6.33
C SER A 91 -13.14 9.02 6.68
N GLU A 92 -12.21 9.11 7.63
CA GLU A 92 -11.63 10.39 7.99
C GLU A 92 -10.94 11.09 6.82
N GLU A 93 -10.33 10.31 5.94
CA GLU A 93 -9.63 10.84 4.76
C GLU A 93 -10.57 11.12 3.57
N ASN A 94 -11.85 10.77 3.70
CA ASN A 94 -12.80 10.94 2.59
C ASN A 94 -14.09 11.62 3.02
N HIS A 95 -13.95 12.77 3.70
CA HIS A 95 -15.10 13.58 4.11
C HIS A 95 -16.12 12.81 4.93
N ASN A 96 -15.61 11.90 5.75
CA ASN A 96 -16.40 11.08 6.65
C ASN A 96 -17.23 9.97 6.00
N HIS A 97 -16.82 9.55 4.81
CA HIS A 97 -17.51 8.45 4.14
C HIS A 97 -16.55 7.40 3.66
N HIS A 98 -16.67 6.19 4.19
CA HIS A 98 -15.71 5.12 3.85
C HIS A 98 -16.01 4.47 2.50
N ASN A 99 -17.25 4.61 2.05
CA ASN A 99 -17.64 4.17 0.70
C ASN A 99 -17.42 2.66 0.55
N GLU A 100 -18.00 1.89 1.47
CA GLU A 100 -17.93 0.44 1.40
C GLU A 100 -18.78 -0.10 0.25
N ARG A 101 -18.27 -1.13 -0.41
CA ARG A 101 -19.08 -1.85 -1.42
C ARG A 101 -18.93 -3.34 -1.23
N MET A 102 -19.99 -4.10 -1.50
CA MET A 102 -19.87 -5.55 -1.52
C MET A 102 -19.40 -5.99 -2.90
N LEU A 103 -18.29 -6.72 -2.95
CA LEU A 103 -17.72 -7.14 -4.24
C LEU A 103 -17.22 -8.58 -4.17
N PHE A 104 -17.23 -9.26 -5.32
CA PHE A 104 -16.72 -10.63 -5.39
C PHE A 104 -15.20 -10.69 -5.51
N HIS A 105 -14.63 -11.74 -4.92
CA HIS A 105 -13.23 -12.05 -5.12
C HIS A 105 -13.08 -13.54 -5.43
N GLY A 106 -12.38 -13.84 -6.52
CA GLY A 106 -12.10 -15.23 -6.85
C GLY A 106 -10.62 -15.38 -7.07
N SER A 107 -10.03 -16.35 -6.40
CA SER A 107 -8.61 -16.65 -6.60
C SER A 107 -8.32 -17.99 -5.95
N PRO A 108 -7.16 -18.58 -6.26
CA PRO A 108 -6.86 -19.86 -5.63
C PRO A 108 -6.50 -19.76 -4.15
N PHE A 109 -6.61 -18.57 -3.56
CA PHE A 109 -6.12 -18.36 -2.19
C PHE A 109 -7.24 -18.18 -1.17
N ILE A 110 -8.43 -18.63 -1.51
CA ILE A 110 -9.60 -18.42 -0.65
C ILE A 110 -9.38 -19.02 0.73
N ASN A 111 -8.79 -20.21 0.80
CA ASN A 111 -8.58 -20.84 2.09
C ASN A 111 -7.61 -20.06 2.98
N ALA A 112 -6.53 -19.56 2.39
CA ALA A 112 -5.64 -18.68 3.15
C ALA A 112 -6.36 -17.39 3.60
N ILE A 113 -7.16 -16.81 2.70
CA ILE A 113 -7.81 -15.53 3.00
C ILE A 113 -8.78 -15.59 4.19
N ILE A 114 -9.57 -16.66 4.28
CA ILE A 114 -10.59 -16.71 5.33
C ILE A 114 -9.97 -16.90 6.72
N HIS A 115 -8.76 -17.45 6.75
CA HIS A 115 -8.04 -17.65 8.00
C HIS A 115 -7.05 -16.55 8.38
N LYS A 116 -6.40 -15.96 7.38
CA LYS A 116 -5.33 -14.99 7.64
C LYS A 116 -5.69 -13.59 7.16
N GLY A 117 -6.81 -13.45 6.45
CA GLY A 117 -7.22 -12.18 5.89
C GLY A 117 -6.50 -11.88 4.59
N PHE A 118 -6.87 -10.76 3.94
CA PHE A 118 -6.19 -10.32 2.74
C PHE A 118 -4.83 -9.76 3.11
N ASP A 119 -3.83 -10.05 2.29
CA ASP A 119 -2.46 -9.56 2.51
C ASP A 119 -1.89 -9.15 1.17
N GLU A 120 -1.78 -7.85 0.94
CA GLU A 120 -1.35 -7.34 -0.35
C GLU A 120 0.08 -7.76 -0.71
N ARG A 121 0.85 -8.23 0.27
CA ARG A 121 2.22 -8.64 -0.01
C ARG A 121 2.32 -9.91 -0.87
N HIS A 122 1.19 -10.58 -1.04
CA HIS A 122 1.13 -11.81 -1.84
C HIS A 122 0.67 -11.55 -3.28
N ALA A 123 0.56 -10.29 -3.66
CA ALA A 123 0.12 -9.94 -5.01
C ALA A 123 1.11 -10.34 -6.11
N TYR A 124 2.39 -10.36 -5.79
CA TYR A 124 3.40 -10.78 -6.77
C TYR A 124 3.43 -12.29 -7.00
N ILE A 125 3.61 -13.06 -5.93
CA ILE A 125 3.71 -14.52 -6.04
C ILE A 125 2.40 -15.16 -6.49
N GLY A 126 1.33 -14.37 -6.55
CA GLY A 126 0.05 -14.86 -7.00
C GLY A 126 -0.03 -14.89 -8.52
N GLY A 127 0.58 -13.91 -9.17
CA GLY A 127 0.64 -13.87 -10.62
C GLY A 127 0.32 -12.51 -11.23
N MET A 128 0.11 -11.51 -10.38
CA MET A 128 -0.27 -10.17 -10.85
C MET A 128 0.90 -9.45 -11.52
N ALA A 131 0.97 -5.92 -8.36
CA ALA A 131 0.50 -5.30 -7.13
C ALA A 131 -1.00 -5.07 -7.13
N GLY A 132 -1.62 -5.20 -5.97
CA GLY A 132 -3.04 -4.93 -5.81
C GLY A 132 -3.88 -6.18 -5.58
N ILE A 133 -4.99 -6.03 -4.87
CA ILE A 133 -5.96 -7.09 -4.66
C ILE A 133 -7.20 -6.75 -5.46
N TYR A 134 -7.67 -7.70 -6.27
CA TYR A 134 -8.70 -7.41 -7.27
C TYR A 134 -10.05 -8.00 -6.93
N PHE A 135 -11.09 -7.21 -7.19
CA PHE A 135 -12.46 -7.56 -6.89
C PHE A 135 -13.32 -7.24 -8.10
N ALA A 136 -14.45 -7.93 -8.23
CA ALA A 136 -15.32 -7.66 -9.36
C ALA A 136 -16.74 -7.44 -8.88
N GLU A 137 -17.52 -6.66 -9.61
CA GLU A 137 -18.91 -6.53 -9.23
C GLU A 137 -19.77 -7.61 -9.92
N ASN A 138 -19.17 -8.34 -10.86
CA ASN A 138 -19.86 -9.45 -11.52
C ASN A 138 -19.31 -10.78 -11.01
N SER A 139 -20.18 -11.64 -10.50
CA SER A 139 -19.72 -12.92 -9.97
C SER A 139 -18.95 -13.73 -11.03
N SER A 140 -19.39 -13.62 -12.28
CA SER A 140 -18.85 -14.43 -13.36
C SER A 140 -17.44 -13.98 -13.74
N LYS A 141 -17.14 -12.70 -13.51
CA LYS A 141 -15.78 -12.20 -13.69
C LYS A 141 -14.86 -12.82 -12.63
N SER A 142 -15.27 -12.80 -11.37
CA SER A 142 -14.49 -13.45 -10.32
C SER A 142 -14.38 -14.98 -10.55
N ASN A 143 -15.45 -15.59 -11.06
CA ASN A 143 -15.40 -17.02 -11.39
C ASN A 143 -14.29 -17.36 -12.39
N GLN A 144 -13.99 -16.43 -13.29
CA GLN A 144 -12.89 -16.61 -14.24
C GLN A 144 -11.51 -16.79 -13.60
N TYR A 145 -11.40 -16.43 -12.32
CA TYR A 145 -10.09 -16.39 -11.66
C TYR A 145 -9.94 -17.39 -10.54
N VAL A 146 -10.99 -18.15 -10.25
CA VAL A 146 -10.99 -19.05 -9.11
C VAL A 146 -9.87 -20.08 -9.18
N TYR A 147 -9.61 -20.61 -10.39
CA TYR A 147 -8.55 -21.58 -10.59
C TYR A 147 -7.23 -21.00 -11.07
N GLY A 148 -7.15 -19.67 -11.16
CA GLY A 148 -5.91 -19.02 -11.53
C GLY A 148 -6.14 -17.95 -12.57
N ILE A 149 -5.06 -17.28 -12.98
CA ILE A 149 -5.13 -16.34 -14.08
C ILE A 149 -5.53 -17.06 -15.37
N GLY A 150 -6.59 -16.60 -16.00
CA GLY A 150 -7.05 -17.23 -17.23
C GLY A 150 -7.74 -18.55 -16.94
N GLY A 151 -8.01 -18.80 -15.67
CA GLY A 151 -8.62 -20.05 -15.23
C GLY A 151 -7.57 -21.08 -14.88
N GLY A 152 -6.29 -20.72 -15.05
CA GLY A 152 -5.22 -21.70 -14.89
C GLY A 152 -5.46 -22.96 -15.72
N THR A 153 -5.26 -24.12 -15.12
CA THR A 153 -5.54 -25.37 -15.83
C THR A 153 -6.86 -25.96 -15.37
N GLY A 154 -7.71 -25.14 -14.77
CA GLY A 154 -9.02 -25.61 -14.34
C GLY A 154 -8.99 -26.34 -13.02
N CYS A 155 -10.02 -27.17 -12.76
CA CYS A 155 -10.10 -27.91 -11.50
C CYS A 155 -8.89 -28.82 -11.33
N PRO A 156 -8.47 -29.03 -10.07
CA PRO A 156 -7.36 -29.93 -9.73
C PRO A 156 -7.56 -31.37 -10.24
N THR A 157 -8.79 -31.86 -10.25
CA THR A 157 -9.00 -33.28 -10.55
C THR A 157 -9.07 -33.58 -12.05
N HIS A 158 -9.79 -32.76 -12.81
CA HIS A 158 -10.04 -33.03 -14.21
C HIS A 158 -9.33 -32.07 -15.17
N LYS A 159 -8.63 -31.09 -14.61
CA LYS A 159 -7.97 -30.05 -15.41
C LYS A 159 -8.96 -29.43 -16.40
N ASP A 160 -10.13 -29.03 -15.89
CA ASP A 160 -11.22 -28.56 -16.72
C ASP A 160 -11.71 -27.21 -16.22
N ARG A 161 -11.44 -26.15 -16.98
CA ARG A 161 -11.87 -24.82 -16.55
C ARG A 161 -13.39 -24.69 -16.57
N SER A 162 -14.05 -25.58 -17.29
CA SER A 162 -15.51 -25.60 -17.34
C SER A 162 -16.09 -26.78 -16.59
N CYS A 163 -15.38 -27.26 -15.57
CA CYS A 163 -15.88 -28.39 -14.81
C CYS A 163 -17.25 -28.14 -14.18
N TYR A 164 -18.18 -29.05 -14.44
CA TYR A 164 -19.52 -28.95 -13.85
C TYR A 164 -19.69 -29.79 -12.57
N ILE A 165 -18.62 -30.46 -12.15
CA ILE A 165 -18.70 -31.38 -11.02
C ILE A 165 -18.02 -30.79 -9.78
N CYS A 166 -16.76 -30.39 -9.95
CA CYS A 166 -15.98 -29.90 -8.81
C CYS A 166 -16.56 -28.64 -8.14
N HIS A 167 -16.56 -28.62 -6.82
CA HIS A 167 -17.05 -27.48 -6.06
C HIS A 167 -16.04 -26.33 -6.13
N ARG A 168 -16.53 -25.14 -6.42
CA ARG A 168 -15.68 -23.96 -6.52
C ARG A 168 -15.98 -23.11 -5.30
N GLN A 169 -15.08 -22.20 -4.97
CA GLN A 169 -15.36 -21.25 -3.90
C GLN A 169 -15.01 -19.84 -4.35
N MET A 170 -15.87 -18.89 -3.99
CA MET A 170 -15.53 -17.49 -4.16
C MET A 170 -16.01 -16.71 -2.94
N LEU A 171 -15.47 -15.51 -2.75
CA LEU A 171 -15.84 -14.70 -1.62
C LEU A 171 -16.72 -13.53 -2.06
N PHE A 172 -17.67 -13.13 -1.23
CA PHE A 172 -18.43 -11.90 -1.45
C PHE A 172 -18.05 -11.02 -0.26
N CYS A 173 -17.25 -9.99 -0.53
CA CYS A 173 -16.50 -9.29 0.53
C CYS A 173 -16.98 -7.88 0.75
N ARG A 174 -16.76 -7.36 1.96
CA ARG A 174 -16.91 -5.93 2.19
C ARG A 174 -15.60 -5.27 1.77
N VAL A 175 -15.69 -4.25 0.92
CA VAL A 175 -14.49 -3.60 0.40
C VAL A 175 -14.63 -2.11 0.65
N THR A 176 -13.67 -1.56 1.39
CA THR A 176 -13.62 -0.12 1.69
C THR A 176 -12.93 0.59 0.53
N LEU A 177 -13.71 1.26 -0.29
CA LEU A 177 -13.17 1.89 -1.49
C LEU A 177 -12.68 3.29 -1.26
N GLY A 178 -13.24 3.96 -0.25
CA GLY A 178 -12.93 5.37 -0.03
C GLY A 178 -13.12 6.19 -1.29
N LYS A 179 -12.14 7.01 -1.62
CA LYS A 179 -12.20 7.79 -2.85
C LYS A 179 -11.57 7.00 -3.98
N SER A 180 -12.38 6.62 -4.96
CA SER A 180 -11.95 5.71 -6.01
C SER A 180 -11.44 6.49 -7.21
N PHE A 181 -10.32 6.06 -7.77
CA PHE A 181 -9.80 6.63 -9.00
C PHE A 181 -10.31 5.80 -10.19
N LEU A 182 -11.10 6.43 -11.06
CA LEU A 182 -11.69 5.72 -12.20
C LEU A 182 -10.87 5.88 -13.47
N GLN A 183 -10.56 4.77 -14.14
CA GLN A 183 -9.92 4.86 -15.45
C GLN A 183 -10.53 3.86 -16.43
N PHE A 184 -10.47 4.20 -17.72
CA PHE A 184 -11.07 3.33 -18.75
C PHE A 184 -10.05 2.41 -19.39
N SER A 185 -9.12 1.95 -18.58
CA SER A 185 -8.04 1.08 -19.02
C SER A 185 -7.79 0.07 -17.90
N THR A 186 -7.14 -1.04 -18.24
CA THR A 186 -6.87 -2.06 -17.24
C THR A 186 -5.96 -1.48 -16.17
N ILE A 187 -6.27 -1.79 -14.91
CA ILE A 187 -5.50 -1.27 -13.81
C ILE A 187 -4.22 -2.04 -13.64
N LYS A 188 -3.11 -1.36 -13.90
CA LYS A 188 -1.80 -1.87 -13.59
C LYS A 188 -1.00 -0.75 -12.96
N MET A 189 -1.27 -0.46 -11.68
CA MET A 189 -0.48 0.50 -10.91
C MET A 189 0.11 -0.16 -9.68
N ALA A 190 0.95 0.59 -8.96
CA ALA A 190 1.59 0.07 -7.76
C ALA A 190 0.87 0.51 -6.49
N HIS A 191 0.15 1.62 -6.57
CA HIS A 191 -0.53 2.17 -5.42
C HIS A 191 -1.67 3.02 -5.96
N ALA A 192 -2.61 3.41 -5.10
CA ALA A 192 -3.63 4.34 -5.55
C ALA A 192 -2.99 5.70 -5.73
N PRO A 193 -3.52 6.50 -6.68
CA PRO A 193 -2.95 7.85 -6.87
C PRO A 193 -3.19 8.72 -5.65
N PRO A 194 -2.44 9.82 -5.52
CA PRO A 194 -2.62 10.74 -4.39
C PRO A 194 -4.09 11.10 -4.14
N GLY A 195 -4.50 11.01 -2.89
CA GLY A 195 -5.83 11.41 -2.49
C GLY A 195 -6.87 10.30 -2.65
N HIS A 196 -6.45 9.17 -3.19
CA HIS A 196 -7.39 8.08 -3.46
C HIS A 196 -7.10 6.83 -2.62
N HIS A 197 -8.08 5.93 -2.50
CA HIS A 197 -7.92 4.71 -1.69
C HIS A 197 -8.16 3.43 -2.46
N SER A 198 -8.56 3.57 -3.71
CA SER A 198 -8.87 2.41 -4.54
C SER A 198 -8.81 2.87 -6.00
N VAL A 199 -8.77 1.90 -6.90
CA VAL A 199 -8.79 2.19 -8.32
C VAL A 199 -9.82 1.26 -8.97
N ILE A 200 -10.60 1.83 -9.88
CA ILE A 200 -11.65 1.10 -10.59
C ILE A 200 -11.37 1.17 -12.08
N GLY A 201 -11.28 0.01 -12.71
CA GLY A 201 -11.18 -0.06 -14.15
C GLY A 201 -12.60 -0.15 -14.67
N ARG A 202 -12.98 0.82 -15.50
CA ARG A 202 -14.36 1.01 -15.91
C ARG A 202 -14.58 0.54 -17.32
N PRO A 203 -15.73 -0.10 -17.57
CA PRO A 203 -16.07 -0.54 -18.93
C PRO A 203 -16.28 0.61 -19.92
N SER A 204 -15.95 0.36 -21.18
CA SER A 204 -16.14 1.35 -22.24
C SER A 204 -16.11 0.69 -23.61
N VAL A 205 -16.49 1.43 -24.65
CA VAL A 205 -16.38 0.96 -26.02
C VAL A 205 -14.90 0.85 -26.36
N ASN A 206 -14.50 -0.33 -26.84
CA ASN A 206 -13.11 -0.63 -27.18
C ASN A 206 -12.16 -0.63 -25.98
N GLY A 207 -12.73 -0.75 -24.78
CA GLY A 207 -11.94 -0.86 -23.56
C GLY A 207 -12.44 -2.05 -22.76
N LEU A 208 -12.43 -1.93 -21.43
CA LEU A 208 -12.88 -2.99 -20.55
C LEU A 208 -14.35 -3.32 -20.77
N ALA A 209 -14.71 -4.58 -20.53
CA ALA A 209 -16.09 -5.02 -20.70
C ALA A 209 -16.85 -4.97 -19.40
N TYR A 210 -16.15 -5.21 -18.29
CA TYR A 210 -16.75 -5.20 -16.96
C TYR A 210 -15.81 -4.52 -15.98
N ALA A 211 -16.36 -4.05 -14.86
CA ALA A 211 -15.58 -3.27 -13.91
C ALA A 211 -14.69 -4.16 -13.07
N GLU A 212 -13.50 -3.64 -12.75
CA GLU A 212 -12.62 -4.31 -11.82
C GLU A 212 -12.23 -3.27 -10.78
N TYR A 213 -12.11 -3.72 -9.54
CA TYR A 213 -11.88 -2.84 -8.41
C TYR A 213 -10.60 -3.29 -7.76
N VAL A 214 -9.69 -2.36 -7.48
CA VAL A 214 -8.42 -2.74 -6.87
C VAL A 214 -8.15 -1.95 -5.61
N ILE A 215 -7.72 -2.65 -4.56
CA ILE A 215 -7.19 -1.98 -3.37
C ILE A 215 -5.75 -2.41 -3.14
N TYR A 216 -5.01 -1.62 -2.35
CA TYR A 216 -3.58 -1.87 -2.19
C TYR A 216 -3.19 -2.17 -0.74
N ARG A 217 -4.18 -2.32 0.13
CA ARG A 217 -3.94 -2.71 1.51
C ARG A 217 -4.96 -3.77 1.86
N GLY A 218 -4.49 -4.85 2.45
CA GLY A 218 -5.37 -5.96 2.82
C GLY A 218 -6.46 -5.55 3.80
N GLU A 219 -6.19 -4.57 4.66
CA GLU A 219 -7.20 -4.16 5.64
C GLU A 219 -8.40 -3.43 5.05
N GLN A 220 -8.36 -3.15 3.75
CA GLN A 220 -9.51 -2.55 3.08
C GLN A 220 -10.51 -3.56 2.53
N ALA A 221 -10.34 -4.82 2.87
CA ALA A 221 -11.36 -5.82 2.52
C ALA A 221 -11.53 -6.85 3.61
N TYR A 222 -12.77 -7.23 3.82
CA TYR A 222 -13.11 -8.26 4.80
C TYR A 222 -13.89 -9.37 4.07
N PRO A 223 -13.42 -10.60 4.16
CA PRO A 223 -14.01 -11.73 3.41
C PRO A 223 -15.33 -12.22 4.03
N GLU A 224 -16.40 -11.46 3.83
CA GLU A 224 -17.62 -11.61 4.62
C GLU A 224 -18.39 -12.93 4.38
N TYR A 225 -18.59 -13.28 3.10
CA TYR A 225 -19.30 -14.50 2.75
C TYR A 225 -18.43 -15.43 1.92
N LEU A 226 -18.36 -16.69 2.34
CA LEU A 226 -17.72 -17.74 1.56
C LEU A 226 -18.81 -18.54 0.84
N ILE A 227 -18.76 -18.53 -0.48
CA ILE A 227 -19.76 -19.23 -1.29
C ILE A 227 -19.15 -20.46 -1.94
N THR A 228 -19.79 -21.62 -1.77
CA THR A 228 -19.35 -22.84 -2.42
C THR A 228 -20.39 -23.16 -3.45
N TYR A 229 -19.97 -23.46 -4.67
CA TYR A 229 -20.90 -23.56 -5.78
C TYR A 229 -20.33 -24.39 -6.91
N GLN A 230 -21.22 -24.79 -7.81
CA GLN A 230 -20.83 -25.35 -9.09
C GLN A 230 -21.37 -24.43 -10.17
N ILE A 231 -20.72 -24.41 -11.33
CA ILE A 231 -21.36 -23.83 -12.52
C ILE A 231 -22.26 -24.90 -13.10
N MET A 232 -23.37 -24.49 -13.72
CA MET A 232 -24.31 -25.45 -14.28
C MET A 232 -24.26 -25.45 -15.79
N LYS A 233 -24.35 -26.64 -16.35
CA LYS A 233 -24.37 -26.84 -17.79
C LYS A 233 -25.71 -26.41 -18.37
N PRO A 234 -25.68 -25.51 -19.37
CA PRO A 234 -26.89 -25.05 -20.06
C PRO A 234 -27.66 -26.20 -20.70
N SER B 25 -3.58 22.01 11.24
CA SER B 25 -2.99 20.73 10.88
C SER B 25 -2.80 19.82 12.09
N GLY B 26 -2.69 20.44 13.26
CA GLY B 26 -2.44 19.72 14.49
C GLY B 26 -0.97 19.75 14.88
N THR B 27 -0.12 20.23 13.98
CA THR B 27 1.32 20.14 14.19
C THR B 27 1.89 21.31 15.00
N ILE B 28 2.72 20.99 15.99
CA ILE B 28 3.51 21.97 16.71
C ILE B 28 4.97 21.70 16.41
N LEU B 29 5.72 22.75 16.13
CA LEU B 29 7.17 22.66 15.98
C LEU B 29 7.88 23.19 17.21
N LEU B 30 8.64 22.32 17.87
CA LEU B 30 9.40 22.72 19.05
C LEU B 30 10.85 22.99 18.68
N ASP B 31 11.33 24.22 18.91
CA ASP B 31 12.70 24.53 18.56
C ASP B 31 13.67 23.91 19.54
N LEU B 32 14.72 23.29 19.02
CA LEU B 32 15.82 22.86 19.88
C LEU B 32 16.90 23.92 19.94
N ALA B 33 17.39 24.20 21.14
CA ALA B 33 18.51 25.11 21.32
C ALA B 33 19.80 24.41 20.91
N PRO B 34 20.73 25.14 20.30
CA PRO B 34 22.05 24.61 19.91
C PRO B 34 22.84 24.06 21.08
N GLU B 35 22.48 24.46 22.31
CA GLU B 35 23.14 24.01 23.52
C GLU B 35 22.67 22.63 23.97
N ASP B 36 21.53 22.21 23.43
CA ASP B 36 20.90 20.92 23.73
C ASP B 36 21.69 19.77 23.13
N LYS B 37 21.90 18.71 23.90
CA LYS B 37 22.55 17.51 23.37
C LYS B 37 21.71 16.84 22.26
N GLU B 38 20.41 17.08 22.28
CA GLU B 38 19.56 16.50 21.25
C GLU B 38 19.80 17.21 19.92
N TYR B 39 19.89 18.53 19.96
CA TYR B 39 20.23 19.31 18.78
C TYR B 39 21.61 18.88 18.30
N GLN B 40 22.54 18.72 19.23
CA GLN B 40 23.92 18.39 18.89
C GLN B 40 24.02 16.99 18.27
N SER B 41 23.25 16.05 18.78
CA SER B 41 23.24 14.71 18.23
C SER B 41 22.73 14.67 16.79
N VAL B 42 21.66 15.41 16.54
CA VAL B 42 21.08 15.46 15.21
C VAL B 42 22.02 16.14 14.22
N GLU B 43 22.56 17.31 14.59
CA GLU B 43 23.50 17.96 13.70
C GLU B 43 24.71 17.09 13.41
N GLU B 44 25.23 16.39 14.42
CA GLU B 44 26.39 15.54 14.21
C GLU B 44 26.09 14.38 13.25
N GLU B 45 24.90 13.82 13.34
CA GLU B 45 24.49 12.77 12.41
C GLU B 45 24.44 13.32 10.99
N MET B 46 23.86 14.50 10.85
CA MET B 46 23.78 15.17 9.55
C MET B 46 25.15 15.48 8.94
N GLN B 47 26.02 16.12 9.71
CA GLN B 47 27.32 16.57 9.20
C GLN B 47 28.21 15.37 8.85
N SER B 48 28.13 14.32 9.66
CA SER B 48 29.07 13.20 9.54
C SER B 48 28.74 12.25 8.40
N THR B 49 27.49 12.30 7.93
CA THR B 49 27.06 11.38 6.89
C THR B 49 27.08 12.00 5.49
N ILE B 50 27.75 13.14 5.34
CA ILE B 50 27.98 13.72 4.01
C ILE B 50 28.97 12.86 3.23
N ARG B 51 28.66 12.59 1.97
CA ARG B 51 29.51 11.74 1.13
C ARG B 51 29.67 12.32 -0.26
N GLU B 52 30.69 11.86 -0.98
CA GLU B 52 30.87 12.23 -2.37
C GLU B 52 29.88 11.43 -3.19
N HIS B 53 29.22 12.08 -4.14
CA HIS B 53 28.30 11.39 -5.03
C HIS B 53 28.85 11.34 -6.45
N ARG B 54 28.37 10.38 -7.22
CA ARG B 54 28.88 10.16 -8.57
C ARG B 54 28.66 11.35 -9.49
N ASP B 55 27.61 12.13 -9.24
CA ASP B 55 27.24 13.19 -10.17
C ASP B 55 28.08 14.47 -10.02
N GLY B 56 29.01 14.44 -9.08
CA GLY B 56 29.95 15.54 -8.90
C GLY B 56 29.34 16.75 -8.23
N GLY B 57 28.15 16.56 -7.66
CA GLY B 57 27.50 17.65 -6.94
C GLY B 57 26.37 18.25 -7.75
N ASN B 58 26.12 17.67 -8.92
CA ASN B 58 25.13 18.19 -9.85
C ASN B 58 23.74 18.34 -9.25
N ALA B 59 23.22 17.27 -8.67
CA ALA B 59 21.88 17.27 -8.10
C ALA B 59 21.80 18.13 -6.84
N GLY B 60 22.72 17.92 -5.91
CA GLY B 60 22.58 18.48 -4.58
C GLY B 60 23.41 19.71 -4.28
N GLY B 61 24.41 19.98 -5.11
CA GLY B 61 25.29 21.12 -4.91
C GLY B 61 26.68 20.69 -4.47
N ILE B 62 27.61 21.64 -4.44
CA ILE B 62 28.98 21.32 -4.05
C ILE B 62 29.30 21.86 -2.65
N PHE B 63 29.59 20.94 -1.73
CA PHE B 63 29.81 21.32 -0.32
C PHE B 63 30.50 20.22 0.47
N ASN B 64 31.15 20.61 1.58
CA ASN B 64 31.76 19.68 2.52
C ASN B 64 31.02 19.66 3.85
N ARG B 65 30.16 20.64 4.07
CA ARG B 65 29.41 20.71 5.31
C ARG B 65 28.18 21.59 5.17
N TYR B 66 27.28 21.51 6.15
CA TYR B 66 26.08 22.32 6.16
C TYR B 66 26.21 23.44 7.18
N ASN B 67 25.44 24.50 6.97
CA ASN B 67 25.17 25.47 8.03
C ASN B 67 23.77 25.22 8.56
N VAL B 68 23.67 24.72 9.79
CA VAL B 68 22.36 24.46 10.37
C VAL B 68 21.76 25.73 10.95
N ILE B 69 20.59 26.08 10.43
CA ILE B 69 19.89 27.30 10.82
C ILE B 69 18.99 27.04 12.04
N ARG B 70 18.33 25.90 12.03
CA ARG B 70 17.27 25.63 13.00
C ARG B 70 17.05 24.11 12.98
N ILE B 71 16.84 23.52 14.15
CA ILE B 71 16.34 22.15 14.23
C ILE B 71 15.08 22.15 15.09
N GLN B 72 14.00 21.58 14.57
CA GLN B 72 12.72 21.59 15.25
C GLN B 72 12.17 20.19 15.38
N LYS B 73 11.61 19.88 16.53
CA LYS B 73 10.95 18.61 16.74
C LYS B 73 9.50 18.74 16.30
N VAL B 74 9.02 17.81 15.48
CA VAL B 74 7.67 17.85 14.93
C VAL B 74 6.71 17.07 15.83
N VAL B 75 5.70 17.76 16.35
CA VAL B 75 4.76 17.15 17.27
C VAL B 75 3.34 17.22 16.72
N ASN B 76 2.73 16.07 16.51
CA ASN B 76 1.38 15.99 15.98
C ASN B 76 0.72 14.72 16.53
N LYS B 77 -0.35 14.89 17.31
CA LYS B 77 -1.04 13.79 17.99
C LYS B 77 -1.46 12.67 17.04
N LYS B 78 -2.14 13.05 15.96
CA LYS B 78 -2.72 12.05 15.06
C LYS B 78 -1.60 11.31 14.32
N LEU B 79 -0.59 12.05 13.88
CA LEU B 79 0.53 11.44 13.20
C LEU B 79 1.26 10.45 14.13
N ARG B 80 1.46 10.86 15.37
CA ARG B 80 2.08 9.96 16.35
C ARG B 80 1.22 8.71 16.59
N GLU B 81 -0.09 8.89 16.68
CA GLU B 81 -0.99 7.74 16.90
C GLU B 81 -0.92 6.71 15.77
N ARG B 82 -0.94 7.17 14.52
CA ARG B 82 -0.84 6.24 13.39
C ARG B 82 0.52 5.53 13.38
N PHE B 83 1.60 6.27 13.63
CA PHE B 83 2.92 5.65 13.68
C PHE B 83 3.06 4.59 14.78
N CYS B 84 2.57 4.91 15.98
CA CYS B 84 2.68 3.98 17.10
C CYS B 84 1.77 2.76 16.95
N HIS B 85 0.59 2.96 16.36
CA HIS B 85 -0.31 1.84 16.09
C HIS B 85 0.36 0.86 15.13
N ARG B 86 0.90 1.40 14.04
CA ARG B 86 1.56 0.58 13.04
C ARG B 86 2.83 -0.07 13.58
N GLN B 87 3.55 0.62 14.45
CA GLN B 87 4.77 0.05 14.98
C GLN B 87 4.48 -1.15 15.88
N LYS B 88 3.38 -1.09 16.61
CA LYS B 88 2.94 -2.21 17.43
C LYS B 88 2.59 -3.43 16.56
N GLU B 89 1.90 -3.19 15.45
CA GLU B 89 1.53 -4.26 14.51
C GLU B 89 2.75 -4.94 13.95
N VAL B 90 3.69 -4.13 13.47
CA VAL B 90 4.92 -4.62 12.88
C VAL B 90 5.70 -5.44 13.92
N SER B 91 5.83 -4.87 15.12
CA SER B 91 6.49 -5.57 16.23
C SER B 91 5.83 -6.92 16.50
N GLU B 92 4.52 -6.90 16.73
CA GLU B 92 3.77 -8.13 17.00
C GLU B 92 3.92 -9.17 15.89
N GLU B 93 4.29 -8.72 14.71
CA GLU B 93 4.39 -9.57 13.54
C GLU B 93 5.85 -10.00 13.29
N ASN B 94 6.79 -9.28 13.89
CA ASN B 94 8.20 -9.56 13.70
C ASN B 94 8.88 -9.99 15.00
N HIS B 95 8.20 -10.83 15.77
CA HIS B 95 8.74 -11.36 17.02
C HIS B 95 9.23 -10.25 17.95
N ASN B 96 8.41 -9.20 18.04
CA ASN B 96 8.63 -8.05 18.92
C ASN B 96 9.82 -7.15 18.56
N HIS B 97 10.33 -7.28 17.34
CA HIS B 97 11.37 -6.40 16.86
C HIS B 97 10.81 -5.51 15.77
N HIS B 98 10.49 -4.27 16.12
CA HIS B 98 9.96 -3.35 15.11
C HIS B 98 11.09 -2.74 14.29
N ASN B 99 12.31 -2.83 14.82
CA ASN B 99 13.50 -2.50 14.07
C ASN B 99 13.47 -1.02 13.60
N GLU B 100 13.23 -0.12 14.54
CA GLU B 100 13.21 1.30 14.23
C GLU B 100 14.62 1.84 13.94
N ARG B 101 14.73 2.68 12.91
CA ARG B 101 16.01 3.30 12.56
C ARG B 101 15.79 4.77 12.29
N MET B 102 16.79 5.60 12.59
CA MET B 102 16.70 7.01 12.26
C MET B 102 17.32 7.23 10.90
N LEU B 103 16.56 7.84 9.99
CA LEU B 103 16.99 7.98 8.59
C LEU B 103 16.63 9.34 8.04
N PHE B 104 17.38 9.81 7.05
CA PHE B 104 17.06 11.09 6.43
C PHE B 104 16.06 10.97 5.28
N HIS B 105 15.28 12.02 5.09
CA HIS B 105 14.38 12.12 3.94
C HIS B 105 14.43 13.56 3.45
N GLY B 106 14.75 13.72 2.17
CA GLY B 106 14.68 15.02 1.53
C GLY B 106 13.70 14.92 0.38
N SER B 107 12.84 15.91 0.26
CA SER B 107 11.75 15.86 -0.72
C SER B 107 11.09 17.23 -0.81
N PRO B 108 10.54 17.59 -1.99
CA PRO B 108 9.74 18.82 -2.07
C PRO B 108 8.41 18.71 -1.30
N PHE B 109 8.12 17.53 -0.75
CA PHE B 109 6.88 17.34 0.00
C PHE B 109 7.00 17.64 1.50
N ILE B 110 8.14 18.19 1.94
CA ILE B 110 8.43 18.33 3.39
C ILE B 110 7.31 19.06 4.13
N ASN B 111 6.84 20.17 3.56
CA ASN B 111 5.77 20.90 4.21
C ASN B 111 4.50 20.07 4.37
N ALA B 112 4.11 19.33 3.34
CA ALA B 112 2.97 18.41 3.48
C ALA B 112 3.21 17.32 4.51
N ILE B 113 4.42 16.76 4.52
CA ILE B 113 4.75 15.68 5.47
C ILE B 113 4.59 16.09 6.93
N ILE B 114 5.09 17.28 7.28
CA ILE B 114 5.06 17.66 8.68
C ILE B 114 3.64 17.99 9.15
N HIS B 115 2.75 18.27 8.20
CA HIS B 115 1.34 18.53 8.54
C HIS B 115 0.40 17.35 8.35
N LYS B 116 0.66 16.52 7.34
CA LYS B 116 -0.26 15.43 6.98
C LYS B 116 0.34 14.06 7.17
N GLY B 117 1.65 14.01 7.42
CA GLY B 117 2.34 12.73 7.56
C GLY B 117 2.86 12.20 6.22
N PHE B 118 3.76 11.24 6.27
CA PHE B 118 4.23 10.55 5.08
C PHE B 118 3.07 9.87 4.38
N ASP B 119 3.14 9.81 3.06
CA ASP B 119 2.06 9.29 2.24
C ASP B 119 2.69 8.57 1.05
N GLU B 120 2.57 7.25 1.03
CA GLU B 120 3.20 6.46 -0.03
C GLU B 120 2.63 6.76 -1.42
N ARG B 121 1.44 7.34 -1.49
CA ARG B 121 0.78 7.51 -2.79
C ARG B 121 1.54 8.49 -3.70
N HIS B 122 2.47 9.22 -3.12
CA HIS B 122 3.25 10.15 -3.93
C HIS B 122 4.35 9.48 -4.72
N ALA B 123 4.82 8.32 -4.22
CA ALA B 123 5.82 7.50 -4.93
C ALA B 123 6.98 8.36 -5.43
N TYR B 124 7.61 9.08 -4.51
CA TYR B 124 8.65 10.03 -4.89
C TYR B 124 9.99 9.32 -5.02
N ILE B 125 10.24 8.80 -6.22
CA ILE B 125 11.44 8.01 -6.50
C ILE B 125 12.01 8.44 -7.84
N ALA B 131 7.26 3.07 -6.71
CA ALA B 131 6.45 2.91 -5.51
C ALA B 131 7.30 3.01 -4.25
N GLY B 132 6.67 3.34 -3.13
CA GLY B 132 7.37 3.38 -1.86
C GLY B 132 7.78 4.79 -1.42
N ILE B 133 8.38 4.88 -0.24
CA ILE B 133 8.94 6.13 0.28
C ILE B 133 10.38 5.80 0.62
N TYR B 134 11.30 6.63 0.13
CA TYR B 134 12.71 6.34 0.20
C TYR B 134 13.40 7.14 1.31
N PHE B 135 14.28 6.46 2.04
CA PHE B 135 15.06 7.08 3.10
C PHE B 135 16.53 6.77 2.90
N ALA B 136 17.38 7.64 3.43
CA ALA B 136 18.82 7.52 3.23
C ALA B 136 19.54 7.57 4.57
N GLU B 137 20.60 6.80 4.72
CA GLU B 137 21.45 6.94 5.90
C GLU B 137 22.43 8.11 5.75
N ASN B 138 22.63 8.58 4.52
CA ASN B 138 23.50 9.74 4.30
C ASN B 138 22.71 11.00 3.99
N SER B 139 22.99 12.07 4.76
CA SER B 139 22.24 13.32 4.61
C SER B 139 22.39 13.94 3.22
N SER B 140 23.58 13.80 2.65
CA SER B 140 23.85 14.38 1.34
C SER B 140 23.09 13.66 0.24
N LYS B 141 22.72 12.41 0.48
CA LYS B 141 21.84 11.72 -0.46
C LYS B 141 20.45 12.34 -0.43
N SER B 142 19.92 12.55 0.77
CA SER B 142 18.64 13.24 0.91
C SER B 142 18.70 14.67 0.37
N ASN B 143 19.84 15.33 0.55
CA ASN B 143 20.00 16.68 0.03
C ASN B 143 19.84 16.76 -1.50
N GLN B 144 20.18 15.67 -2.18
CA GLN B 144 20.02 15.58 -3.64
C GLN B 144 18.55 15.61 -4.09
N TYR B 145 17.63 15.36 -3.17
CA TYR B 145 16.22 15.24 -3.51
C TYR B 145 15.36 16.37 -2.97
N VAL B 146 15.98 17.28 -2.23
CA VAL B 146 15.21 18.38 -1.64
C VAL B 146 14.42 19.21 -2.64
N TYR B 147 15.01 19.54 -3.79
CA TYR B 147 14.28 20.32 -4.79
C TYR B 147 13.67 19.50 -5.92
N GLY B 148 13.69 18.18 -5.79
CA GLY B 148 13.14 17.33 -6.84
C GLY B 148 14.08 16.22 -7.26
N ILE B 149 13.59 15.32 -8.11
CA ILE B 149 14.45 14.25 -8.63
C ILE B 149 15.63 14.85 -9.37
N GLY B 150 16.83 14.40 -9.03
CA GLY B 150 18.06 14.90 -9.65
C GLY B 150 18.29 16.36 -9.31
N GLY B 151 17.63 16.82 -8.26
CA GLY B 151 17.76 18.20 -7.82
C GLY B 151 16.75 19.14 -8.47
N GLY B 152 15.91 18.59 -9.35
CA GLY B 152 14.93 19.38 -10.07
C GLY B 152 15.58 20.56 -10.77
N THR B 153 14.96 21.74 -10.66
CA THR B 153 15.53 22.94 -11.25
C THR B 153 16.23 23.78 -10.19
N GLY B 154 16.43 23.22 -9.01
CA GLY B 154 17.14 23.91 -7.94
C GLY B 154 16.20 24.75 -7.10
N CYS B 155 16.75 25.72 -6.37
CA CYS B 155 15.95 26.54 -5.47
C CYS B 155 14.91 27.32 -6.27
N PRO B 156 13.79 27.66 -5.63
CA PRO B 156 12.72 28.39 -6.35
C PRO B 156 13.17 29.76 -6.86
N THR B 157 13.99 30.45 -6.07
CA THR B 157 14.30 31.85 -6.34
C THR B 157 15.39 32.06 -7.37
N HIS B 158 16.44 31.24 -7.31
CA HIS B 158 17.59 31.43 -8.21
C HIS B 158 17.74 30.30 -9.21
N LYS B 159 16.89 29.27 -9.09
CA LYS B 159 16.97 28.10 -9.96
C LYS B 159 18.39 27.53 -9.99
N ASP B 160 18.93 27.26 -8.81
CA ASP B 160 20.33 26.87 -8.69
C ASP B 160 20.41 25.65 -7.78
N ARG B 161 20.81 24.50 -8.33
CA ARG B 161 20.84 23.27 -7.55
C ARG B 161 21.91 23.37 -6.46
N SER B 162 22.90 24.21 -6.70
CA SER B 162 23.98 24.40 -5.74
C SER B 162 23.88 25.71 -4.98
N CYS B 163 22.66 26.21 -4.79
CA CYS B 163 22.47 27.49 -4.13
C CYS B 163 22.96 27.44 -2.69
N TYR B 164 23.75 28.45 -2.32
CA TYR B 164 24.33 28.57 -0.99
C TYR B 164 23.60 29.59 -0.12
N ILE B 165 22.55 30.17 -0.69
CA ILE B 165 21.80 31.24 -0.06
C ILE B 165 20.47 30.74 0.51
N CYS B 166 19.68 30.09 -0.34
CA CYS B 166 18.34 29.66 0.06
C CYS B 166 18.38 28.58 1.17
N HIS B 167 17.45 28.70 2.11
CA HIS B 167 17.34 27.75 3.21
C HIS B 167 16.70 26.48 2.70
N ARG B 168 17.36 25.35 2.91
CA ARG B 168 16.80 24.05 2.53
C ARG B 168 16.22 23.38 3.75
N GLN B 169 15.34 22.41 3.53
CA GLN B 169 14.86 21.63 4.66
C GLN B 169 14.94 20.16 4.36
N MET B 170 15.34 19.38 5.37
CA MET B 170 15.19 17.93 5.31
C MET B 170 14.73 17.37 6.66
N LEU B 171 14.36 16.10 6.64
CA LEU B 171 13.83 15.43 7.84
C LEU B 171 14.79 14.36 8.32
N PHE B 172 14.86 14.19 9.63
CA PHE B 172 15.55 13.06 10.23
C PHE B 172 14.43 12.32 10.93
N CYS B 173 14.12 11.11 10.45
CA CYS B 173 12.86 10.47 10.77
C CYS B 173 13.00 9.18 11.53
N ARG B 174 11.99 8.85 12.34
CA ARG B 174 11.86 7.51 12.89
C ARG B 174 11.23 6.63 11.81
N VAL B 175 11.92 5.56 11.44
CA VAL B 175 11.40 4.67 10.42
C VAL B 175 11.30 3.25 10.97
N THR B 176 10.10 2.69 10.93
CA THR B 176 9.87 1.32 11.35
C THR B 176 10.20 0.39 10.18
N LEU B 177 11.29 -0.36 10.28
CA LEU B 177 11.65 -1.25 9.18
C LEU B 177 11.07 -2.66 9.31
N GLY B 178 10.76 -3.06 10.53
CA GLY B 178 10.37 -4.43 10.81
C GLY B 178 11.35 -5.42 10.20
N LYS B 179 10.83 -6.51 9.65
CA LYS B 179 11.68 -7.46 8.92
C LYS B 179 12.02 -6.85 7.57
N SER B 180 13.29 -6.56 7.35
CA SER B 180 13.70 -5.92 6.12
C SER B 180 14.14 -6.93 5.07
N PHE B 181 13.63 -6.78 3.86
CA PHE B 181 14.07 -7.60 2.74
C PHE B 181 15.35 -7.02 2.14
N LEU B 182 16.45 -7.72 2.35
CA LEU B 182 17.75 -7.28 1.87
C LEU B 182 17.88 -7.56 0.39
N GLN B 183 18.56 -6.67 -0.30
CA GLN B 183 18.66 -6.77 -1.75
C GLN B 183 19.91 -6.05 -2.26
N PHE B 184 20.59 -6.67 -3.23
CA PHE B 184 21.79 -6.09 -3.82
C PHE B 184 21.43 -5.04 -4.88
N SER B 185 20.47 -5.39 -5.73
CA SER B 185 20.02 -4.49 -6.79
C SER B 185 19.32 -3.23 -6.25
N THR B 186 18.90 -2.34 -7.15
CA THR B 186 18.07 -1.20 -6.76
C THR B 186 16.65 -1.69 -6.58
N ILE B 187 15.77 -0.84 -6.06
CA ILE B 187 14.46 -1.28 -5.62
C ILE B 187 13.32 -1.04 -6.63
N LYS B 188 13.28 -1.87 -7.67
CA LYS B 188 12.18 -1.88 -8.63
C LYS B 188 11.12 -2.85 -8.12
N MET B 189 10.23 -2.36 -7.25
CA MET B 189 9.41 -3.25 -6.42
C MET B 189 8.20 -2.50 -5.84
N ALA B 190 7.03 -3.14 -5.89
CA ALA B 190 5.78 -2.45 -5.56
C ALA B 190 5.37 -2.58 -4.09
N HIS B 191 5.90 -3.60 -3.43
CA HIS B 191 5.55 -3.85 -2.04
C HIS B 191 6.60 -4.74 -1.40
N ALA B 192 6.66 -4.74 -0.08
CA ALA B 192 7.55 -5.67 0.62
C ALA B 192 7.09 -7.09 0.31
N PRO B 193 8.02 -8.05 0.27
CA PRO B 193 7.63 -9.43 -0.04
C PRO B 193 6.88 -9.99 1.16
N PRO B 194 6.23 -11.16 1.00
CA PRO B 194 5.46 -11.70 2.12
C PRO B 194 6.27 -11.77 3.39
N GLY B 195 5.67 -11.37 4.49
CA GLY B 195 6.30 -11.45 5.80
C GLY B 195 7.25 -10.32 6.11
N HIS B 196 7.52 -9.45 5.14
CA HIS B 196 8.46 -8.34 5.34
C HIS B 196 7.72 -7.02 5.39
N HIS B 197 8.42 -5.97 5.86
CA HIS B 197 7.85 -4.65 6.11
C HIS B 197 8.63 -3.53 5.46
N SER B 198 9.81 -3.85 4.94
CA SER B 198 10.60 -2.84 4.26
C SER B 198 11.55 -3.53 3.29
N VAL B 199 12.19 -2.71 2.45
CA VAL B 199 13.17 -3.19 1.49
C VAL B 199 14.43 -2.36 1.61
N ILE B 200 15.58 -3.02 1.66
CA ILE B 200 16.85 -2.31 1.74
C ILE B 200 17.73 -2.62 0.53
N GLY B 201 18.17 -1.59 -0.17
CA GLY B 201 19.16 -1.74 -1.20
C GLY B 201 20.52 -1.37 -0.63
N ARG B 202 21.42 -2.34 -0.55
CA ARG B 202 22.73 -2.15 0.09
C ARG B 202 23.86 -2.15 -0.93
N PRO B 203 24.96 -1.42 -0.64
CA PRO B 203 26.17 -1.29 -1.47
C PRO B 203 26.69 -2.61 -2.05
N SER B 204 27.11 -2.56 -3.31
CA SER B 204 27.54 -3.76 -4.03
C SER B 204 29.03 -3.71 -4.39
N TYR B 210 25.35 3.62 -2.05
CA TYR B 210 24.92 3.80 -0.67
C TYR B 210 23.58 3.11 -0.42
N ALA B 211 23.29 2.83 0.85
CA ALA B 211 22.09 2.11 1.22
C ALA B 211 20.82 2.91 0.93
N GLU B 212 19.77 2.20 0.53
CA GLU B 212 18.50 2.81 0.16
C GLU B 212 17.41 2.08 0.93
N TYR B 213 16.67 2.80 1.76
CA TYR B 213 15.66 2.20 2.63
C TYR B 213 14.28 2.57 2.15
N VAL B 214 13.44 1.56 1.95
CA VAL B 214 12.14 1.81 1.35
C VAL B 214 11.00 1.18 2.18
N ILE B 215 10.00 1.99 2.50
CA ILE B 215 8.76 1.48 3.10
C ILE B 215 7.61 1.74 2.15
N TYR B 216 6.50 1.03 2.32
CA TYR B 216 5.38 1.13 1.39
C TYR B 216 4.09 1.60 2.06
N ARG B 217 4.20 1.93 3.34
CA ARG B 217 3.12 2.54 4.09
C ARG B 217 3.63 3.78 4.84
N GLY B 218 2.97 4.91 4.63
CA GLY B 218 3.36 6.15 5.29
C GLY B 218 3.41 6.07 6.82
N GLU B 219 2.57 5.21 7.41
CA GLU B 219 2.52 5.08 8.88
C GLU B 219 3.78 4.45 9.47
N GLN B 220 4.69 3.97 8.62
CA GLN B 220 5.93 3.38 9.12
C GLN B 220 7.05 4.41 9.24
N ALA B 221 6.71 5.68 9.07
CA ALA B 221 7.70 6.73 9.30
C ALA B 221 7.10 7.91 10.02
N TYR B 222 7.88 8.49 10.93
CA TYR B 222 7.45 9.68 11.64
C TYR B 222 8.52 10.78 11.45
N PRO B 223 8.09 11.98 11.02
CA PRO B 223 9.06 13.04 10.71
C PRO B 223 9.54 13.74 11.98
N GLU B 224 10.42 13.10 12.71
CA GLU B 224 10.73 13.52 14.08
C GLU B 224 11.40 14.89 14.15
N TYR B 225 12.38 15.11 13.26
CA TYR B 225 13.16 16.36 13.29
C TYR B 225 13.09 17.07 11.95
N LEU B 226 12.82 18.36 11.99
CA LEU B 226 12.82 19.17 10.78
C LEU B 226 14.09 20.00 10.84
N ILE B 227 14.96 19.81 9.84
CA ILE B 227 16.24 20.52 9.83
C ILE B 227 16.22 21.58 8.74
N THR B 228 16.46 22.83 9.13
CA THR B 228 16.56 23.93 8.18
C THR B 228 18.04 24.26 8.05
N TYR B 229 18.54 24.31 6.83
CA TYR B 229 19.97 24.43 6.64
C TYR B 229 20.36 25.07 5.31
N GLN B 230 21.62 25.50 5.23
CA GLN B 230 22.20 25.82 3.94
C GLN B 230 23.35 24.85 3.70
N ILE B 231 23.60 24.48 2.45
CA ILE B 231 24.88 23.86 2.14
C ILE B 231 25.93 25.00 2.13
N MET B 232 27.15 24.70 2.53
CA MET B 232 28.18 25.74 2.57
C MET B 232 29.17 25.59 1.42
N LYS B 233 29.48 26.73 0.80
CA LYS B 233 30.49 26.79 -0.26
C LYS B 233 31.88 26.70 0.37
N PRO B 234 32.67 25.70 -0.07
CA PRO B 234 34.00 25.44 0.50
C PRO B 234 34.99 26.59 0.27
ZN ZN C . -13.42 -31.23 -12.03
C1 355 D . -8.22 -8.67 -14.08
C2 355 D . -9.14 -9.06 -12.95
C3 355 D . -10.45 -8.63 -13.02
C4 355 D . -11.39 -8.92 -12.06
C5 355 D . -10.98 -9.68 -10.97
C6 355 D . -9.67 -10.13 -10.87
N1 355 D . -9.42 -10.87 -9.72
C7 355 D . -8.16 -11.37 -9.50
C8 355 D . -7.97 -12.15 -8.21
N2 355 D . -6.59 -12.35 -7.89
C9 355 D . -5.85 -11.46 -7.05
O1 355 D . -6.47 -10.37 -6.54
N3 355 D . -4.52 -11.70 -6.78
C10 355 D . -3.78 -10.78 -5.91
C11 355 D . -4.15 -11.16 -4.42
C12 355 D . -4.43 -12.62 -4.17
C13 355 D . -4.83 -12.85 -2.70
C14 355 D . -3.75 -12.38 -1.80
C15 355 D . -3.73 -10.93 -2.02
C16 355 D . -3.14 -10.65 -3.42
C17 355 D . -4.05 -12.75 -0.39
O2 355 D . -4.68 -12.03 0.29
N4 355 D . -3.62 -13.99 0.20
C18 355 D . -4.00 -14.22 1.57
C19 355 D . -2.82 -14.66 2.40
C20 355 D . -1.96 -15.61 1.93
C21 355 D . -0.88 -16.01 2.70
C22 355 D . -0.68 -15.43 3.92
C23 355 D . -1.55 -14.46 4.38
C24 355 D . -2.63 -14.08 3.63
C25 355 D . -3.91 -12.80 -7.30
O3 355 D . -2.60 -13.05 -7.04
C26 355 D . -4.66 -13.73 -8.18
C27 355 D . -5.92 -13.52 -8.43
C28 355 D . -6.70 -14.44 -9.29
C29 355 D . -6.02 -15.54 -9.80
C30 355 D . -4.67 -15.79 -9.53
C31 355 D . -3.94 -14.92 -8.72
C32 355 D . -7.15 -11.13 -10.41
C33 355 D . -7.45 -10.35 -11.61
O4 355 D . -6.37 -10.19 -12.45
N5 355 D . -8.70 -9.84 -11.85
ZN ZN E . 18.53 30.23 -4.16
#